data_1M0N
#
_entry.id   1M0N
#
_cell.length_a   151.290
_cell.length_b   151.290
_cell.length_c   84.790
_cell.angle_alpha   90.00
_cell.angle_beta   90.00
_cell.angle_gamma   120.00
#
_symmetry.space_group_name_H-M   'P 64 2 2'
#
loop_
_entity.id
_entity.type
_entity.pdbx_description
1 polymer '2,2-Dialkylglycine decarboxylase'
2 non-polymer 'POTASSIUM ION'
3 non-polymer 'SODIUM ION'
4 non-polymer '1-[((1E)-{3-HYDROXY-2-METHYL-5-[(PHOSPHONOOXY)METHYL]PYRIDIN-4-YL}METHYLENE)AMINO]CYCLOPENTYLPHOSPHONIC ACID'
5 water water
#
_entity_poly.entity_id   1
_entity_poly.type   'polypeptide(L)'
_entity_poly.pdbx_seq_one_letter_code
;MSLNDDATFWRNARHHLVRYGGTFEPMIIERAKGSFVYDADGRAILDFTSGQMSAVLGHCHPEIVSVIGEYAGKLDHLFS
EMLSRPVVDLATRLANITPPGLDRALLLSTGAESNEAAIRMAKLVTGKYEIVGFAQSWHGMTGAAASATYSAGRKGVGPA
AVGSFAIPAPFTYRPRFERNGAYDYLAELDYAFDLIDRQSSGNLAAFIAEPILSSGGIIELPDGYMAALKRKCEARGMLL
ILDEAQTGVGRTGTMFACQRDGVTPDILTLSKTLGAGLPLAAIVTSAAIEERAHELGYLFYTTHVSDPLPAAVGLRVLDV
VQRDGLVARANVMGDRLRRGLLDLMERFDCIGDVRGRGLLLGVEIVKDRRTKEPADGLGAKITRECMNLGLSMNIVQLPG
MGGVFRIAPPLTVSEDEIDLGLSLLGQAIERAL
;
_entity_poly.pdbx_strand_id   A
#
# COMPACT_ATOMS: atom_id res chain seq x y z
N LEU A 3 24.41 23.64 -1.12
CA LEU A 3 24.65 22.29 -0.47
C LEU A 3 23.68 21.68 0.59
N ASN A 4 23.87 20.40 0.73
CA ASN A 4 23.12 19.61 1.64
C ASN A 4 23.63 19.69 3.08
N ASP A 5 24.69 20.47 3.31
CA ASP A 5 25.35 20.53 4.65
C ASP A 5 24.93 21.64 5.62
N ASP A 6 23.97 22.46 5.22
CA ASP A 6 23.48 23.51 6.08
C ASP A 6 23.52 23.00 7.51
N ALA A 7 24.54 23.43 8.25
CA ALA A 7 24.69 23.02 9.64
C ALA A 7 23.50 23.37 10.49
N THR A 8 23.01 24.56 10.26
CA THR A 8 21.83 25.03 10.98
C THR A 8 20.72 24.02 10.77
N PHE A 9 20.47 23.73 9.50
CA PHE A 9 19.49 22.77 9.15
C PHE A 9 19.72 21.49 9.95
N TRP A 10 20.90 20.93 9.81
CA TRP A 10 21.10 19.72 10.52
C TRP A 10 21.09 19.84 12.02
N ARG A 11 21.47 21.02 12.50
CA ARG A 11 21.46 21.22 13.91
C ARG A 11 19.99 21.16 14.43
N ASN A 12 19.15 21.99 13.88
CA ASN A 12 17.78 22.00 14.32
C ASN A 12 17.14 20.69 14.16
N ALA A 13 17.47 20.06 13.05
CA ALA A 13 16.91 18.78 12.74
C ALA A 13 17.22 17.84 13.86
N ARG A 14 18.46 17.91 14.34
CA ARG A 14 18.88 17.07 15.44
C ARG A 14 18.20 17.49 16.80
N HIS A 15 18.05 18.78 17.00
CA HIS A 15 17.47 19.27 18.26
C HIS A 15 15.99 19.16 18.38
N HIS A 16 15.33 19.20 17.23
CA HIS A 16 13.90 19.34 17.25
C HIS A 16 13.02 18.33 16.57
N LEU A 17 13.60 17.21 16.08
CA LEU A 17 12.77 16.22 15.45
C LEU A 17 12.67 15.02 16.27
N VAL A 18 11.47 14.50 16.41
CA VAL A 18 11.26 13.25 17.12
C VAL A 18 11.63 12.23 16.06
N ARG A 19 12.34 11.20 16.45
CA ARG A 19 12.72 10.16 15.52
C ARG A 19 11.64 9.12 15.52
N TYR A 20 11.24 8.70 14.34
CA TYR A 20 10.11 7.83 14.29
C TYR A 20 10.23 6.62 13.51
N GLY A 21 11.46 6.24 13.23
CA GLY A 21 11.72 4.97 12.55
C GLY A 21 12.71 5.19 11.45
N GLY A 22 13.51 4.16 11.18
CA GLY A 22 14.48 4.23 10.11
C GLY A 22 15.51 5.33 10.37
N THR A 23 16.04 5.85 9.27
CA THR A 23 17.05 6.87 9.38
C THR A 23 16.82 7.91 8.28
N PHE A 24 17.07 9.18 8.62
CA PHE A 24 16.94 10.27 7.70
C PHE A 24 17.97 10.23 6.59
N GLU A 25 17.47 10.41 5.39
CA GLU A 25 18.29 10.54 4.22
C GLU A 25 19.17 11.82 4.41
N PRO A 26 20.45 11.68 4.19
CA PRO A 26 21.38 12.72 4.35
C PRO A 26 21.28 13.76 3.25
N MET A 27 20.15 14.34 3.00
CA MET A 27 20.15 15.35 1.98
C MET A 27 19.09 16.29 2.39
N ILE A 28 18.93 17.35 1.61
CA ILE A 28 17.85 18.33 1.85
C ILE A 28 17.06 18.49 0.54
N ILE A 29 15.81 17.95 0.53
CA ILE A 29 14.97 18.02 -0.69
C ILE A 29 14.37 19.36 -0.83
N GLU A 30 14.70 19.99 -1.94
CA GLU A 30 14.26 21.32 -2.12
C GLU A 30 13.18 21.53 -3.09
N ARG A 31 13.05 20.59 -4.01
CA ARG A 31 11.98 20.65 -4.99
C ARG A 31 11.71 19.23 -5.54
N ALA A 32 10.56 19.06 -6.21
CA ALA A 32 10.12 17.74 -6.73
C ALA A 32 9.26 17.99 -7.92
N LYS A 33 9.41 17.20 -8.93
CA LYS A 33 8.57 17.38 -10.08
C LYS A 33 8.59 16.14 -10.91
N GLY A 34 7.41 15.64 -11.23
CA GLY A 34 7.34 14.45 -12.05
C GLY A 34 7.94 13.28 -11.29
N SER A 35 8.75 12.48 -11.98
CA SER A 35 9.36 11.32 -11.34
C SER A 35 10.68 11.58 -10.54
N PHE A 36 10.94 12.87 -10.20
CA PHE A 36 12.14 13.31 -9.45
C PHE A 36 11.94 14.23 -8.34
N VAL A 37 12.93 14.14 -7.44
CA VAL A 37 13.07 15.06 -6.33
C VAL A 37 14.49 15.57 -6.58
N TYR A 38 14.72 16.77 -6.06
CA TYR A 38 15.98 17.50 -6.21
C TYR A 38 16.48 17.92 -4.87
N ASP A 39 17.76 17.65 -4.62
CA ASP A 39 18.33 18.06 -3.33
C ASP A 39 18.70 19.50 -3.32
N ALA A 40 19.39 19.88 -2.27
CA ALA A 40 19.81 21.22 -2.10
C ALA A 40 20.93 21.60 -3.07
N ASP A 41 21.54 20.61 -3.73
CA ASP A 41 22.56 20.95 -4.73
C ASP A 41 21.87 20.96 -6.03
N GLY A 42 20.61 20.56 -6.06
CA GLY A 42 19.91 20.58 -7.32
C GLY A 42 20.06 19.25 -7.97
N ARG A 43 20.57 18.30 -7.21
CA ARG A 43 20.73 16.96 -7.75
C ARG A 43 19.34 16.35 -7.89
N ALA A 44 19.15 15.75 -9.04
CA ALA A 44 17.93 15.14 -9.39
C ALA A 44 17.95 13.68 -9.00
N ILE A 45 16.94 13.32 -8.22
CA ILE A 45 16.81 11.97 -7.77
C ILE A 45 15.52 11.32 -8.31
N LEU A 46 15.75 10.20 -8.92
CA LEU A 46 14.75 9.41 -9.52
C LEU A 46 13.95 8.69 -8.43
N ASP A 47 12.70 9.12 -8.30
CA ASP A 47 11.79 8.62 -7.28
C ASP A 47 11.11 7.30 -7.54
N PHE A 48 11.84 6.22 -7.39
CA PHE A 48 11.28 4.91 -7.65
C PHE A 48 10.26 4.39 -6.65
N THR A 49 9.77 5.21 -5.72
CA THR A 49 8.77 4.72 -4.74
C THR A 49 7.64 5.70 -4.67
N SER A 50 7.65 6.69 -5.57
CA SER A 50 6.58 7.67 -5.67
C SER A 50 6.39 8.24 -4.32
N GLY A 51 7.45 8.79 -3.76
CA GLY A 51 7.33 9.43 -2.42
C GLY A 51 7.18 8.27 -1.40
N GLN A 52 6.17 8.29 -0.56
CA GLN A 52 6.05 7.13 0.34
C GLN A 52 4.98 6.26 -0.36
N MET A 53 5.32 5.75 -1.55
CA MET A 53 4.36 4.88 -2.30
C MET A 53 3.00 5.54 -2.49
N SER A 54 2.95 6.82 -2.88
CA SER A 54 1.67 7.58 -2.99
C SER A 54 1.50 8.30 -4.28
N ALA A 55 2.51 9.02 -4.71
CA ALA A 55 2.44 9.85 -5.95
C ALA A 55 2.23 9.15 -7.34
N VAL A 56 1.03 8.64 -7.57
CA VAL A 56 0.75 7.96 -8.86
C VAL A 56 0.76 8.97 -10.01
N LEU A 57 0.46 10.23 -9.71
CA LEU A 57 0.48 11.26 -10.74
C LEU A 57 1.90 11.90 -10.86
N GLY A 58 2.79 11.48 -9.97
CA GLY A 58 4.10 12.08 -9.85
C GLY A 58 4.02 13.30 -8.95
N HIS A 59 5.13 14.00 -8.81
CA HIS A 59 5.16 15.16 -7.97
C HIS A 59 4.67 16.39 -8.65
N CYS A 60 4.01 17.21 -7.87
CA CYS A 60 3.59 18.46 -8.35
C CYS A 60 2.93 18.47 -9.70
N HIS A 61 1.97 17.54 -9.86
CA HIS A 61 1.14 17.44 -11.08
C HIS A 61 0.29 18.69 -11.29
N PRO A 62 0.50 19.27 -12.44
CA PRO A 62 -0.17 20.48 -12.81
C PRO A 62 -1.66 20.43 -12.59
N GLU A 63 -2.27 19.25 -12.75
CA GLU A 63 -3.74 19.13 -12.55
C GLU A 63 -4.11 19.34 -11.12
N ILE A 64 -3.23 18.79 -10.29
CA ILE A 64 -3.39 18.85 -8.86
C ILE A 64 -3.16 20.15 -8.33
N VAL A 65 -2.10 20.73 -8.86
CA VAL A 65 -1.70 22.07 -8.51
C VAL A 65 -2.94 23.01 -8.84
N SER A 66 -3.57 22.78 -10.00
CA SER A 66 -4.77 23.52 -10.42
C SER A 66 -5.90 23.39 -9.35
N VAL A 67 -6.33 22.17 -9.19
CA VAL A 67 -7.42 21.97 -8.32
C VAL A 67 -7.15 22.43 -6.89
N ILE A 68 -5.95 22.11 -6.40
CA ILE A 68 -5.58 22.51 -5.04
C ILE A 68 -5.82 23.99 -4.80
N GLY A 69 -5.43 24.76 -5.79
CA GLY A 69 -5.54 26.18 -5.73
C GLY A 69 -6.96 26.56 -5.66
N GLU A 70 -7.73 26.08 -6.63
CA GLU A 70 -9.17 26.38 -6.70
C GLU A 70 -9.86 26.33 -5.36
N TYR A 71 -9.81 25.16 -4.74
CA TYR A 71 -10.54 24.93 -3.52
C TYR A 71 -9.99 25.60 -2.32
N ALA A 72 -8.69 25.77 -2.34
CA ALA A 72 -7.99 26.45 -1.28
C ALA A 72 -8.61 27.82 -1.15
N GLY A 73 -8.74 28.47 -2.31
CA GLY A 73 -9.29 29.80 -2.36
C GLY A 73 -10.81 29.87 -2.46
N LYS A 74 -11.46 28.74 -2.79
CA LYS A 74 -12.92 28.65 -2.97
C LYS A 74 -13.68 27.96 -1.77
N LEU A 75 -13.28 26.74 -1.39
CA LEU A 75 -13.99 25.97 -0.37
C LEU A 75 -12.98 25.08 0.22
N ASP A 76 -12.66 25.30 1.48
CA ASP A 76 -11.57 24.55 2.04
C ASP A 76 -11.95 23.48 2.97
N HIS A 77 -12.45 23.91 4.11
CA HIS A 77 -12.82 23.02 5.17
C HIS A 77 -14.14 23.47 5.74
N LEU A 78 -14.96 22.48 6.10
CA LEU A 78 -16.27 22.75 6.69
C LEU A 78 -16.62 21.84 7.88
N PHE A 79 -17.65 22.28 8.61
CA PHE A 79 -18.28 21.57 9.68
C PHE A 79 -18.66 20.24 9.10
N SER A 80 -18.42 19.19 9.85
CA SER A 80 -18.59 17.86 9.33
C SER A 80 -20.04 17.44 8.94
N GLU A 81 -20.98 18.33 9.25
CA GLU A 81 -22.33 18.05 8.95
C GLU A 81 -22.81 18.76 7.72
N MET A 82 -21.92 19.54 7.16
CA MET A 82 -22.24 20.18 5.91
C MET A 82 -21.70 19.51 4.67
N LEU A 83 -22.60 19.24 3.74
CA LEU A 83 -22.20 18.68 2.48
C LEU A 83 -21.90 19.75 1.43
N SER A 84 -21.11 19.31 0.44
CA SER A 84 -20.63 20.13 -0.64
C SER A 84 -20.47 19.16 -1.87
N ARG A 85 -20.24 19.72 -3.04
CA ARG A 85 -20.13 18.90 -4.25
C ARG A 85 -18.94 17.96 -4.42
N PRO A 86 -17.77 18.41 -4.03
CA PRO A 86 -16.62 17.53 -4.26
C PRO A 86 -16.94 16.25 -3.54
N VAL A 87 -17.40 16.36 -2.29
CA VAL A 87 -17.71 15.14 -1.51
C VAL A 87 -18.64 14.17 -2.16
N VAL A 88 -19.78 14.68 -2.57
CA VAL A 88 -20.77 13.80 -3.13
C VAL A 88 -20.22 13.29 -4.48
N ASP A 89 -19.57 14.15 -5.21
CA ASP A 89 -19.04 13.76 -6.50
C ASP A 89 -18.06 12.61 -6.35
N LEU A 90 -17.06 12.81 -5.48
CA LEU A 90 -16.02 11.79 -5.26
C LEU A 90 -16.66 10.50 -4.75
N ALA A 91 -17.56 10.67 -3.79
CA ALA A 91 -18.24 9.50 -3.22
C ALA A 91 -18.89 8.76 -4.34
N THR A 92 -19.59 9.52 -5.21
CA THR A 92 -20.31 8.95 -6.37
C THR A 92 -19.34 8.32 -7.38
N ARG A 93 -18.30 9.06 -7.74
CA ARG A 93 -17.32 8.48 -8.62
C ARG A 93 -16.87 7.06 -8.08
N LEU A 94 -16.55 7.04 -6.81
CA LEU A 94 -16.09 5.85 -6.22
C LEU A 94 -17.10 4.71 -6.34
N ALA A 95 -18.37 5.00 -6.08
CA ALA A 95 -19.40 3.93 -6.17
C ALA A 95 -19.34 3.41 -7.60
N ASN A 96 -19.12 4.38 -8.48
CA ASN A 96 -19.05 4.10 -9.93
C ASN A 96 -17.92 3.35 -10.46
N ILE A 97 -16.71 3.54 -9.91
CA ILE A 97 -15.54 2.84 -10.49
C ILE A 97 -15.17 1.67 -9.75
N THR A 98 -15.80 1.50 -8.63
CA THR A 98 -15.49 0.30 -7.94
C THR A 98 -16.47 -0.72 -8.39
N PRO A 99 -16.11 -1.93 -8.11
CA PRO A 99 -17.01 -2.97 -8.36
C PRO A 99 -18.46 -2.84 -7.71
N PRO A 100 -19.18 -3.84 -8.10
CA PRO A 100 -20.53 -3.99 -7.82
C PRO A 100 -20.58 -4.52 -6.48
N GLY A 101 -21.37 -3.87 -5.70
CA GLY A 101 -21.49 -4.32 -4.34
C GLY A 101 -20.93 -3.23 -3.51
N LEU A 102 -20.27 -2.26 -4.15
CA LEU A 102 -19.66 -1.17 -3.43
C LEU A 102 -20.36 0.04 -3.82
N ASP A 103 -21.17 0.51 -2.87
CA ASP A 103 -22.09 1.58 -3.10
C ASP A 103 -21.91 2.84 -2.39
N ARG A 104 -21.43 2.75 -1.18
CA ARG A 104 -21.29 3.97 -0.43
C ARG A 104 -19.96 4.19 0.14
N ALA A 105 -19.50 5.44 0.09
CA ALA A 105 -18.13 5.80 0.59
C ALA A 105 -18.14 6.72 1.73
N LEU A 106 -17.08 6.63 2.54
CA LEU A 106 -16.81 7.58 3.64
C LEU A 106 -15.40 8.26 3.34
N LEU A 107 -15.32 9.60 3.31
CA LEU A 107 -14.03 10.26 2.93
C LEU A 107 -13.23 10.81 4.11
N LEU A 108 -12.09 10.21 4.32
CA LEU A 108 -11.23 10.55 5.45
C LEU A 108 -9.85 11.12 5.10
N SER A 109 -8.90 10.92 6.01
CA SER A 109 -7.61 11.52 5.83
C SER A 109 -6.49 10.58 5.70
N THR A 110 -6.42 9.55 6.54
CA THR A 110 -5.31 8.58 6.42
C THR A 110 -5.70 7.12 6.19
N GLY A 111 -4.72 6.32 5.72
CA GLY A 111 -4.89 4.83 5.47
C GLY A 111 -5.29 4.04 6.75
N ALA A 112 -4.59 4.32 7.86
CA ALA A 112 -4.88 3.67 9.14
C ALA A 112 -6.26 4.08 9.58
N GLU A 113 -6.56 5.38 9.41
CA GLU A 113 -7.88 5.97 9.66
C GLU A 113 -8.88 5.18 8.84
N SER A 114 -8.66 5.10 7.52
CA SER A 114 -9.54 4.34 6.67
C SER A 114 -9.68 2.93 7.26
N ASN A 115 -8.60 2.26 7.57
CA ASN A 115 -8.74 0.88 8.17
C ASN A 115 -9.47 0.80 9.51
N GLU A 116 -9.29 1.81 10.36
CA GLU A 116 -10.00 1.85 11.64
C GLU A 116 -11.56 1.97 11.37
N ALA A 117 -11.93 2.84 10.44
CA ALA A 117 -13.33 3.04 10.09
C ALA A 117 -13.89 1.74 9.66
N ALA A 118 -13.23 1.09 8.74
CA ALA A 118 -13.71 -0.19 8.27
C ALA A 118 -13.85 -1.17 9.38
N ILE A 119 -12.81 -1.26 10.19
CA ILE A 119 -12.84 -2.25 11.21
C ILE A 119 -13.96 -2.00 12.19
N ARG A 120 -14.11 -0.75 12.57
CA ARG A 120 -15.14 -0.43 13.55
C ARG A 120 -16.50 -0.80 12.99
N MET A 121 -16.67 -0.53 11.69
CA MET A 121 -17.90 -0.82 10.98
C MET A 121 -18.25 -2.32 11.01
N ALA A 122 -17.25 -3.17 10.80
CA ALA A 122 -17.47 -4.63 10.79
C ALA A 122 -17.85 -5.12 12.12
N LYS A 123 -17.22 -4.48 13.11
CA LYS A 123 -17.49 -4.84 14.46
C LYS A 123 -18.94 -4.45 14.85
N LEU A 124 -19.33 -3.23 14.41
CA LEU A 124 -20.66 -2.71 14.68
C LEU A 124 -21.63 -3.68 14.03
N VAL A 125 -21.56 -3.87 12.72
CA VAL A 125 -22.54 -4.79 12.03
C VAL A 125 -22.50 -6.27 12.39
N THR A 126 -21.40 -6.78 12.89
CA THR A 126 -21.38 -8.22 13.23
C THR A 126 -21.70 -8.33 14.64
N GLY A 127 -21.47 -7.25 15.36
CA GLY A 127 -21.59 -7.29 16.80
C GLY A 127 -20.50 -8.17 17.42
N LYS A 128 -19.41 -8.35 16.68
CA LYS A 128 -18.29 -9.16 17.18
C LYS A 128 -17.01 -8.29 17.13
N TYR A 129 -15.91 -8.83 17.59
CA TYR A 129 -14.70 -8.01 17.68
C TYR A 129 -13.37 -8.68 17.27
N GLU A 130 -13.33 -10.00 17.05
CA GLU A 130 -12.06 -10.65 16.68
C GLU A 130 -11.71 -10.33 15.25
N ILE A 131 -10.44 -9.93 15.03
CA ILE A 131 -9.94 -9.56 13.70
C ILE A 131 -8.74 -10.44 13.26
N VAL A 132 -8.74 -10.86 12.00
CA VAL A 132 -7.66 -11.69 11.54
C VAL A 132 -7.02 -11.08 10.40
N GLY A 133 -5.67 -11.08 10.41
CA GLY A 133 -4.89 -10.53 9.32
C GLY A 133 -3.78 -11.54 9.01
N PHE A 134 -2.93 -11.13 8.07
CA PHE A 134 -1.73 -11.91 7.64
C PHE A 134 -0.58 -11.58 8.53
N ALA A 135 0.25 -12.56 8.66
CA ALA A 135 1.35 -12.41 9.54
C ALA A 135 2.47 -11.50 9.07
N GLN A 136 2.34 -10.93 7.88
CA GLN A 136 3.34 -9.98 7.39
C GLN A 136 2.65 -8.77 6.92
N SER A 137 1.48 -8.49 7.47
CA SER A 137 0.66 -7.34 7.05
C SER A 137 1.15 -6.01 7.55
N TRP A 138 0.62 -4.95 6.93
CA TRP A 138 0.77 -3.56 7.43
C TRP A 138 -0.51 -2.83 7.18
N HIS A 139 -1.14 -2.31 8.25
CA HIS A 139 -2.35 -1.51 8.07
C HIS A 139 -2.33 -0.09 8.66
N GLY A 140 -1.34 0.20 9.48
CA GLY A 140 -1.22 1.53 10.05
C GLY A 140 -0.62 1.49 11.47
N MET A 141 -0.34 2.65 12.00
CA MET A 141 0.26 2.79 13.33
C MET A 141 -0.75 2.85 14.45
N THR A 142 -2.00 3.24 14.13
CA THR A 142 -3.10 3.40 15.11
C THR A 142 -3.78 2.22 15.54
N GLY A 143 -4.27 2.38 16.74
CA GLY A 143 -5.01 1.34 17.45
C GLY A 143 -5.28 0.05 16.75
N ALA A 144 -6.39 0.02 16.06
CA ALA A 144 -6.82 -1.20 15.45
C ALA A 144 -6.04 -1.52 14.27
N ALA A 145 -5.66 -0.54 13.53
CA ALA A 145 -4.88 -0.89 12.36
C ALA A 145 -3.58 -1.49 12.85
N ALA A 146 -3.05 -0.95 13.91
CA ALA A 146 -1.79 -1.52 14.39
C ALA A 146 -1.98 -2.92 14.95
N SER A 147 -3.14 -3.19 15.55
CA SER A 147 -3.36 -4.55 16.13
C SER A 147 -3.37 -5.65 15.12
N ALA A 148 -3.73 -5.28 13.90
CA ALA A 148 -3.77 -6.21 12.78
C ALA A 148 -2.50 -6.16 11.89
N THR A 149 -1.48 -5.40 12.27
CA THR A 149 -0.27 -5.28 11.48
C THR A 149 0.76 -6.19 12.05
N TYR A 150 1.21 -7.11 11.27
CA TYR A 150 2.15 -8.08 11.83
C TYR A 150 3.57 -8.03 11.21
N SER A 151 3.74 -7.32 10.12
CA SER A 151 5.04 -7.27 9.58
C SER A 151 5.97 -6.56 10.65
N ALA A 152 5.42 -5.72 11.52
CA ALA A 152 6.28 -5.04 12.54
C ALA A 152 5.51 -4.30 13.60
N GLY A 153 6.22 -3.57 14.46
CA GLY A 153 5.57 -2.76 15.47
C GLY A 153 4.83 -3.42 16.66
N ARG A 154 4.81 -4.73 16.76
CA ARG A 154 4.04 -5.32 17.84
C ARG A 154 4.63 -5.23 19.19
N LYS A 155 5.91 -4.95 19.24
CA LYS A 155 6.54 -5.00 20.54
C LYS A 155 6.79 -3.73 21.33
N GLY A 156 6.86 -3.91 22.64
CA GLY A 156 7.23 -2.81 23.60
C GLY A 156 6.21 -1.68 23.91
N VAL A 157 5.01 -1.76 23.32
CA VAL A 157 3.92 -0.77 23.47
C VAL A 157 2.54 -1.26 24.02
N GLY A 158 2.57 -2.25 24.95
CA GLY A 158 1.37 -2.80 25.65
C GLY A 158 0.68 -3.90 24.88
N PRO A 159 -0.40 -4.44 25.45
CA PRO A 159 -1.16 -5.48 24.75
C PRO A 159 -1.77 -4.94 23.46
N ALA A 160 -1.89 -5.79 22.45
CA ALA A 160 -2.59 -5.44 21.23
C ALA A 160 -4.08 -5.44 21.59
N ALA A 161 -4.87 -5.05 20.65
CA ALA A 161 -6.27 -5.15 20.91
C ALA A 161 -6.72 -6.56 21.20
N VAL A 162 -7.65 -6.67 22.13
CA VAL A 162 -8.25 -7.92 22.43
C VAL A 162 -8.78 -8.60 21.07
N GLY A 163 -8.57 -9.88 20.90
CA GLY A 163 -9.13 -10.57 19.73
C GLY A 163 -8.39 -10.47 18.46
N SER A 164 -7.11 -10.17 18.56
CA SER A 164 -6.22 -10.06 17.40
C SER A 164 -5.61 -11.40 17.02
N PHE A 165 -5.72 -11.74 15.73
CA PHE A 165 -5.11 -12.96 15.15
C PHE A 165 -4.48 -12.73 13.80
N ALA A 166 -3.54 -13.60 13.47
CA ALA A 166 -2.93 -13.54 12.13
C ALA A 166 -2.85 -14.94 11.57
N ILE A 167 -2.74 -15.10 10.27
CA ILE A 167 -2.45 -16.44 9.78
C ILE A 167 -1.40 -16.16 8.73
N PRO A 168 -0.70 -17.18 8.31
CA PRO A 168 0.37 -16.94 7.32
C PRO A 168 -0.20 -16.58 6.00
N ALA A 169 0.48 -15.66 5.29
CA ALA A 169 0.14 -15.22 3.90
C ALA A 169 0.60 -16.28 2.91
N PRO A 170 -0.19 -16.55 1.86
CA PRO A 170 0.25 -17.57 0.88
C PRO A 170 1.53 -16.95 0.22
N PHE A 171 2.71 -17.59 0.29
CA PHE A 171 4.01 -17.04 -0.29
C PHE A 171 4.73 -18.08 -1.15
N THR A 172 4.49 -17.97 -2.43
CA THR A 172 5.02 -18.91 -3.38
C THR A 172 6.50 -18.94 -3.39
N TYR A 173 7.15 -17.79 -3.26
CA TYR A 173 8.60 -17.76 -3.32
C TYR A 173 9.20 -18.53 -2.17
N ARG A 174 8.57 -18.50 -1.02
CA ARG A 174 9.14 -19.20 0.09
C ARG A 174 8.07 -19.96 0.81
N PRO A 175 7.67 -21.03 0.20
CA PRO A 175 6.60 -21.92 0.66
C PRO A 175 6.92 -22.88 1.88
N ARG A 176 5.97 -23.06 2.81
CA ARG A 176 6.22 -23.94 4.01
C ARG A 176 5.13 -24.96 4.34
N PHE A 177 4.19 -25.14 3.43
CA PHE A 177 3.04 -26.08 3.66
C PHE A 177 2.89 -26.98 2.40
N GLU A 178 3.25 -28.23 2.55
CA GLU A 178 3.27 -29.15 1.41
C GLU A 178 2.15 -30.17 1.49
N ARG A 179 1.48 -30.33 0.39
CA ARG A 179 0.46 -31.36 0.35
C ARG A 179 0.82 -32.12 -0.93
N ASN A 180 1.23 -33.35 -0.73
CA ASN A 180 1.64 -34.22 -1.83
C ASN A 180 2.77 -33.67 -2.58
N GLY A 181 3.88 -33.56 -1.93
CA GLY A 181 4.97 -33.06 -2.70
C GLY A 181 4.69 -31.75 -3.45
N ALA A 182 3.83 -30.91 -2.94
CA ALA A 182 3.69 -29.59 -3.55
C ALA A 182 3.03 -28.60 -2.58
N TYR A 183 3.25 -27.30 -2.89
CA TYR A 183 2.75 -26.17 -2.07
C TYR A 183 1.31 -26.00 -2.28
N ASP A 184 0.61 -26.47 -1.30
CA ASP A 184 -0.80 -26.38 -1.33
C ASP A 184 -1.17 -25.20 -0.48
N TYR A 185 -1.20 -24.02 -1.08
CA TYR A 185 -1.47 -22.85 -0.27
C TYR A 185 -2.93 -22.75 0.08
N LEU A 186 -3.73 -23.52 -0.63
CA LEU A 186 -5.14 -23.49 -0.38
C LEU A 186 -5.38 -24.38 0.78
N ALA A 187 -4.56 -25.44 0.92
CA ALA A 187 -4.75 -26.30 2.09
C ALA A 187 -4.18 -25.62 3.31
N GLU A 188 -3.24 -24.69 3.08
CA GLU A 188 -2.58 -23.96 4.17
C GLU A 188 -3.63 -23.06 4.82
N LEU A 189 -4.40 -22.43 3.94
CA LEU A 189 -5.49 -21.53 4.36
C LEU A 189 -6.50 -22.27 5.24
N ASP A 190 -6.82 -23.47 4.84
CA ASP A 190 -7.76 -24.22 5.60
C ASP A 190 -7.22 -24.54 6.96
N TYR A 191 -5.99 -24.99 6.94
CA TYR A 191 -5.35 -25.44 8.12
C TYR A 191 -5.22 -24.25 9.12
N ALA A 192 -4.88 -23.08 8.60
CA ALA A 192 -4.76 -21.87 9.42
C ALA A 192 -6.13 -21.53 10.11
N PHE A 193 -7.16 -21.48 9.26
CA PHE A 193 -8.51 -21.23 9.71
C PHE A 193 -9.00 -22.19 10.74
N ASP A 194 -8.64 -23.46 10.64
CA ASP A 194 -9.12 -24.35 11.67
C ASP A 194 -8.52 -23.96 12.98
N LEU A 195 -7.26 -23.52 12.94
CA LEU A 195 -6.56 -23.17 14.18
C LEU A 195 -7.27 -21.92 14.74
N ILE A 196 -7.49 -21.00 13.84
CA ILE A 196 -8.18 -19.81 14.26
C ILE A 196 -9.49 -20.25 14.91
N ASP A 197 -10.24 -21.12 14.20
CA ASP A 197 -11.55 -21.50 14.68
C ASP A 197 -11.35 -22.05 16.01
N ARG A 198 -10.23 -22.73 16.21
CA ARG A 198 -10.12 -23.28 17.57
C ARG A 198 -9.78 -22.24 18.65
N GLN A 199 -9.20 -21.14 18.24
CA GLN A 199 -8.88 -20.18 19.28
C GLN A 199 -10.03 -19.19 19.51
N SER A 200 -10.81 -18.85 18.48
CA SER A 200 -11.89 -17.91 18.63
C SER A 200 -12.80 -18.09 19.87
N SER A 201 -13.31 -16.95 20.39
CA SER A 201 -14.24 -16.95 21.53
C SER A 201 -15.59 -16.98 20.90
N GLY A 202 -15.58 -17.09 19.58
CA GLY A 202 -16.80 -17.12 18.81
C GLY A 202 -17.18 -15.72 18.45
N ASN A 203 -16.22 -14.85 18.25
CA ASN A 203 -16.51 -13.46 17.95
C ASN A 203 -15.73 -12.93 16.84
N LEU A 204 -15.61 -13.74 15.79
CA LEU A 204 -14.91 -13.35 14.53
C LEU A 204 -15.74 -12.32 13.77
N ALA A 205 -15.19 -11.14 13.62
CA ALA A 205 -15.86 -10.08 13.01
C ALA A 205 -15.40 -9.84 11.56
N ALA A 206 -14.09 -9.98 11.31
CA ALA A 206 -13.55 -9.70 9.96
C ALA A 206 -12.21 -10.23 9.71
N PHE A 207 -11.86 -10.30 8.42
CA PHE A 207 -10.49 -10.58 7.97
C PHE A 207 -10.09 -9.43 7.15
N ILE A 208 -8.88 -8.97 7.44
CA ILE A 208 -8.36 -7.85 6.68
C ILE A 208 -7.12 -8.25 5.88
N ALA A 209 -7.05 -7.76 4.66
CA ALA A 209 -6.01 -8.17 3.82
C ALA A 209 -5.66 -7.18 2.79
N GLU A 210 -4.34 -7.17 2.48
CA GLU A 210 -3.78 -6.36 1.37
C GLU A 210 -3.81 -7.33 0.14
N PRO A 211 -4.26 -6.88 -1.02
CA PRO A 211 -4.34 -7.81 -2.18
C PRO A 211 -2.90 -8.35 -2.52
N ILE A 212 -1.95 -7.46 -2.36
CA ILE A 212 -0.50 -7.73 -2.52
C ILE A 212 0.21 -7.14 -1.22
N LEU A 213 0.84 -7.97 -0.40
CA LEU A 213 1.51 -7.43 0.83
C LEU A 213 2.70 -6.64 0.47
N SER A 214 2.66 -5.35 0.64
CA SER A 214 3.78 -4.53 0.23
C SER A 214 4.89 -4.38 1.27
N SER A 215 4.57 -3.78 2.37
CA SER A 215 5.50 -3.65 3.40
C SER A 215 5.98 -5.05 3.74
N GLY A 216 5.11 -6.03 3.53
CA GLY A 216 5.45 -7.44 3.84
C GLY A 216 6.39 -8.10 2.84
N GLY A 217 6.77 -7.38 1.79
CA GLY A 217 7.70 -7.94 0.81
C GLY A 217 7.12 -8.29 -0.57
N ILE A 218 6.16 -7.48 -1.03
CA ILE A 218 5.49 -7.62 -2.31
C ILE A 218 5.06 -9.04 -2.42
N ILE A 219 4.12 -9.41 -1.58
CA ILE A 219 3.60 -10.76 -1.63
C ILE A 219 2.16 -10.75 -2.18
N GLU A 220 2.03 -11.35 -3.37
CA GLU A 220 0.78 -11.44 -4.13
C GLU A 220 0.01 -12.63 -3.75
N LEU A 221 -1.24 -12.42 -3.41
CA LEU A 221 -2.10 -13.55 -3.08
C LEU A 221 -2.22 -14.34 -4.40
N PRO A 222 -1.87 -15.62 -4.33
CA PRO A 222 -1.90 -16.48 -5.54
C PRO A 222 -3.31 -16.78 -6.10
N ASP A 223 -3.32 -17.50 -7.24
CA ASP A 223 -4.56 -17.90 -7.97
C ASP A 223 -5.61 -18.62 -7.16
N GLY A 224 -6.78 -17.95 -7.06
CA GLY A 224 -7.96 -18.42 -6.32
C GLY A 224 -7.93 -18.31 -4.83
N TYR A 225 -6.85 -17.75 -4.29
CA TYR A 225 -6.71 -17.70 -2.82
C TYR A 225 -7.72 -16.68 -2.25
N MET A 226 -7.74 -15.53 -2.88
CA MET A 226 -8.55 -14.51 -2.44
C MET A 226 -9.96 -15.01 -2.43
N ALA A 227 -10.32 -15.68 -3.48
CA ALA A 227 -11.64 -16.20 -3.54
C ALA A 227 -11.91 -17.27 -2.45
N ALA A 228 -10.96 -18.14 -2.21
CA ALA A 228 -11.20 -19.12 -1.17
C ALA A 228 -11.35 -18.38 0.18
N LEU A 229 -10.61 -17.29 0.32
CA LEU A 229 -10.57 -16.57 1.57
C LEU A 229 -11.94 -15.99 1.85
N LYS A 230 -12.51 -15.40 0.80
CA LYS A 230 -13.81 -14.80 0.95
C LYS A 230 -14.76 -15.85 1.40
N ARG A 231 -14.59 -17.03 0.86
CA ARG A 231 -15.43 -18.10 1.31
C ARG A 231 -15.26 -18.44 2.79
N LYS A 232 -14.03 -18.33 3.34
CA LYS A 232 -13.83 -18.60 4.78
C LYS A 232 -14.62 -17.63 5.62
N CYS A 233 -14.60 -16.38 5.18
CA CYS A 233 -15.26 -15.33 5.85
C CYS A 233 -16.70 -15.57 5.79
N GLU A 234 -17.23 -15.76 4.56
CA GLU A 234 -18.68 -15.96 4.43
C GLU A 234 -19.19 -17.12 5.31
N ALA A 235 -18.46 -18.18 5.30
CA ALA A 235 -18.85 -19.26 6.07
C ALA A 235 -18.90 -18.94 7.53
N ARG A 236 -18.18 -17.90 7.97
CA ARG A 236 -18.07 -17.62 9.41
C ARG A 236 -18.84 -16.41 9.74
N GLY A 237 -19.58 -15.89 8.81
CA GLY A 237 -20.31 -14.68 9.16
C GLY A 237 -19.38 -13.45 9.40
N MET A 238 -18.20 -13.46 8.78
CA MET A 238 -17.14 -12.38 8.88
C MET A 238 -17.07 -11.48 7.69
N LEU A 239 -16.74 -10.18 7.89
CA LEU A 239 -16.57 -9.39 6.68
C LEU A 239 -15.16 -9.60 6.19
N LEU A 240 -14.97 -9.35 4.92
CA LEU A 240 -13.67 -9.41 4.34
C LEU A 240 -13.42 -7.94 4.05
N ILE A 241 -12.37 -7.39 4.61
CA ILE A 241 -12.07 -6.03 4.33
C ILE A 241 -10.80 -6.05 3.48
N LEU A 242 -10.79 -5.36 2.30
CA LEU A 242 -9.56 -5.34 1.46
C LEU A 242 -8.89 -4.02 1.58
N ASP A 243 -7.65 -4.04 2.08
CA ASP A 243 -6.90 -2.79 2.30
C ASP A 243 -6.17 -2.42 0.96
N GLU A 244 -6.69 -1.49 0.14
CA GLU A 244 -6.00 -1.12 -1.14
C GLU A 244 -5.29 0.29 -1.11
N ALA A 245 -4.69 0.58 0.05
CA ALA A 245 -3.91 1.84 0.23
C ALA A 245 -2.83 2.15 -0.91
N GLN A 246 -2.20 1.09 -1.37
CA GLN A 246 -1.15 1.16 -2.36
C GLN A 246 -1.51 0.40 -3.62
N THR A 247 -2.32 -0.65 -3.50
CA THR A 247 -2.65 -1.43 -4.70
C THR A 247 -3.76 -0.79 -5.50
N GLY A 248 -4.50 0.11 -4.84
CA GLY A 248 -5.65 0.70 -5.45
C GLY A 248 -5.32 1.76 -6.39
N VAL A 249 -6.31 2.18 -7.12
CA VAL A 249 -6.13 3.25 -8.04
C VAL A 249 -5.09 2.94 -9.11
N GLY A 250 -5.22 1.78 -9.73
CA GLY A 250 -4.46 1.48 -10.90
C GLY A 250 -2.98 1.15 -10.81
N ARG A 251 -2.45 1.05 -9.60
CA ARG A 251 -1.02 0.75 -9.37
C ARG A 251 -0.59 -0.61 -9.87
N THR A 252 -1.48 -1.57 -9.72
CA THR A 252 -1.25 -2.93 -10.14
C THR A 252 -1.81 -3.12 -11.63
N GLY A 253 -2.18 -2.01 -12.29
CA GLY A 253 -2.66 -2.08 -13.64
C GLY A 253 -4.15 -2.46 -13.77
N THR A 254 -4.90 -2.34 -12.67
CA THR A 254 -6.33 -2.43 -12.63
C THR A 254 -6.66 -1.29 -11.68
N MET A 255 -7.80 -0.65 -11.88
CA MET A 255 -8.19 0.42 -10.98
C MET A 255 -7.98 -0.05 -9.54
N PHE A 256 -8.48 -1.27 -9.29
CA PHE A 256 -8.40 -1.93 -8.02
C PHE A 256 -7.93 -3.35 -8.13
N ALA A 257 -6.93 -3.65 -7.35
CA ALA A 257 -6.46 -5.00 -7.43
C ALA A 257 -7.59 -6.02 -7.28
N CYS A 258 -8.54 -5.79 -6.39
CA CYS A 258 -9.52 -6.87 -6.20
C CYS A 258 -10.26 -7.13 -7.56
N GLN A 259 -10.13 -6.21 -8.49
CA GLN A 259 -10.79 -6.35 -9.77
C GLN A 259 -10.19 -7.56 -10.53
N ARG A 260 -8.90 -7.79 -10.32
CA ARG A 260 -8.22 -8.91 -11.00
C ARG A 260 -8.77 -10.23 -10.59
N ASP A 261 -8.97 -10.44 -9.32
CA ASP A 261 -9.47 -11.77 -8.92
C ASP A 261 -11.01 -11.88 -9.18
N GLY A 262 -11.67 -10.76 -9.49
CA GLY A 262 -13.14 -10.83 -9.58
C GLY A 262 -13.74 -11.21 -8.22
N VAL A 263 -13.05 -10.85 -7.14
CA VAL A 263 -13.57 -11.09 -5.79
C VAL A 263 -13.81 -9.75 -5.08
N THR A 264 -15.07 -9.43 -4.80
CA THR A 264 -15.37 -8.16 -4.20
C THR A 264 -15.55 -8.23 -2.70
N PRO A 265 -14.82 -7.40 -1.96
CA PRO A 265 -14.79 -7.47 -0.48
C PRO A 265 -16.00 -6.79 0.08
N ASP A 266 -16.24 -6.91 1.40
CA ASP A 266 -17.36 -6.20 2.08
C ASP A 266 -17.02 -4.74 2.30
N ILE A 267 -15.76 -4.46 2.59
CA ILE A 267 -15.34 -3.06 2.70
C ILE A 267 -14.00 -2.96 2.01
N LEU A 268 -13.85 -1.89 1.27
CA LEU A 268 -12.62 -1.62 0.57
C LEU A 268 -12.09 -0.32 1.14
N THR A 269 -10.78 -0.24 1.41
CA THR A 269 -10.22 0.98 1.95
C THR A 269 -9.22 1.51 1.03
N LEU A 270 -9.15 2.81 0.97
CA LEU A 270 -8.25 3.47 0.09
C LEU A 270 -7.54 4.63 0.77
N SER A 271 -6.38 5.06 0.22
CA SER A 271 -5.69 6.22 0.78
C SER A 271 -4.53 6.77 0.04
N LYS A 272 -3.41 6.07 0.16
CA LYS A 272 -2.10 6.50 -0.37
C LYS A 272 -2.16 6.96 -1.74
N THR A 273 -2.56 6.05 -2.62
CA THR A 273 -2.64 6.39 -4.04
C THR A 273 -3.86 7.24 -4.37
N LEU A 274 -4.87 7.22 -3.50
CA LEU A 274 -6.07 8.06 -3.71
C LEU A 274 -5.80 9.52 -3.59
N GLY A 275 -5.01 9.85 -2.57
CA GLY A 275 -4.67 11.26 -2.27
C GLY A 275 -3.46 11.64 -3.09
N ALA A 276 -2.85 10.63 -3.73
CA ALA A 276 -1.68 10.82 -4.59
C ALA A 276 -0.57 11.72 -3.90
N GLY A 277 -0.44 11.61 -2.59
CA GLY A 277 0.54 12.37 -1.86
C GLY A 277 -0.11 13.27 -0.82
N LEU A 278 -1.38 13.60 -1.02
CA LEU A 278 -2.10 14.46 -0.08
C LEU A 278 -2.78 13.60 0.90
N PRO A 279 -3.08 14.12 2.05
CA PRO A 279 -3.82 13.34 3.06
C PRO A 279 -5.42 13.24 2.87
N LEU A 280 -5.79 12.20 2.13
CA LEU A 280 -7.17 11.86 1.88
C LEU A 280 -7.30 10.33 1.82
N ALA A 281 -8.28 9.82 2.52
CA ALA A 281 -8.52 8.41 2.44
C ALA A 281 -10.06 8.11 2.29
N ALA A 282 -10.39 6.84 2.19
CA ALA A 282 -11.78 6.47 2.08
C ALA A 282 -11.99 4.98 2.33
N ILE A 283 -13.21 4.71 2.69
CA ILE A 283 -13.70 3.34 2.74
C ILE A 283 -14.97 3.29 1.83
N VAL A 284 -15.19 2.13 1.26
CA VAL A 284 -16.34 1.92 0.44
C VAL A 284 -16.97 0.57 0.91
N THR A 285 -18.30 0.64 1.14
CA THR A 285 -19.07 -0.55 1.50
C THR A 285 -20.42 -0.68 0.70
N SER A 286 -21.08 -1.81 0.92
CA SER A 286 -22.32 -2.05 0.27
C SER A 286 -23.34 -1.27 0.96
N ALA A 287 -24.34 -0.92 0.16
CA ALA A 287 -25.54 -0.23 0.63
C ALA A 287 -26.19 -1.02 1.81
N ALA A 288 -26.26 -2.32 1.68
CA ALA A 288 -26.81 -3.16 2.72
C ALA A 288 -26.01 -3.00 4.00
N ILE A 289 -24.69 -3.03 3.88
CA ILE A 289 -23.85 -2.90 5.06
C ILE A 289 -23.99 -1.50 5.56
N GLU A 290 -23.88 -0.51 4.68
CA GLU A 290 -24.03 0.86 5.17
C GLU A 290 -25.35 1.01 5.91
N GLU A 291 -26.39 0.40 5.37
CA GLU A 291 -27.68 0.58 5.98
C GLU A 291 -27.75 0.01 7.37
N ARG A 292 -27.25 -1.21 7.55
CA ARG A 292 -27.29 -1.79 8.86
C ARG A 292 -26.40 -0.99 9.88
N ALA A 293 -25.26 -0.49 9.40
CA ALA A 293 -24.33 0.23 10.27
C ALA A 293 -25.07 1.42 10.81
N HIS A 294 -25.76 2.04 9.88
CA HIS A 294 -26.53 3.18 10.23
C HIS A 294 -27.66 2.84 11.26
N GLU A 295 -28.36 1.78 11.04
CA GLU A 295 -29.39 1.45 11.96
C GLU A 295 -28.81 1.30 13.34
N LEU A 296 -27.63 0.75 13.41
CA LEU A 296 -26.95 0.42 14.67
C LEU A 296 -26.18 1.65 15.19
N GLY A 297 -26.35 2.77 14.56
CA GLY A 297 -25.73 3.93 15.10
C GLY A 297 -24.30 4.14 14.74
N TYR A 298 -23.83 3.56 13.64
CA TYR A 298 -22.42 3.77 13.27
C TYR A 298 -21.93 5.23 13.41
N LEU A 299 -20.78 5.38 14.01
CA LEU A 299 -20.22 6.66 14.21
C LEU A 299 -18.75 6.66 13.84
N PHE A 300 -18.35 7.56 12.99
CA PHE A 300 -16.94 7.74 12.69
C PHE A 300 -16.72 9.22 12.31
N TYR A 301 -16.89 10.10 13.28
CA TYR A 301 -16.91 11.59 13.07
C TYR A 301 -15.57 12.26 13.40
N THR A 302 -14.98 12.88 12.37
CA THR A 302 -13.67 13.56 12.43
C THR A 302 -13.67 14.97 11.94
N THR A 303 -12.55 15.65 12.17
CA THR A 303 -12.44 17.01 11.74
C THR A 303 -12.52 17.08 10.26
N HIS A 304 -11.80 16.20 9.60
CA HIS A 304 -11.68 16.27 8.17
C HIS A 304 -12.55 15.34 7.28
N VAL A 305 -13.39 14.54 7.91
CA VAL A 305 -14.26 13.74 7.16
C VAL A 305 -15.04 14.73 6.30
N SER A 306 -15.19 14.39 5.02
CA SER A 306 -16.00 15.21 4.15
C SER A 306 -15.54 16.61 3.95
N ASP A 307 -14.24 16.85 3.95
CA ASP A 307 -13.75 18.22 3.66
C ASP A 307 -13.61 18.35 2.16
N PRO A 308 -14.09 19.49 1.69
CA PRO A 308 -14.15 19.74 0.22
C PRO A 308 -12.82 19.79 -0.47
N LEU A 309 -11.84 20.45 0.10
CA LEU A 309 -10.59 20.52 -0.59
C LEU A 309 -9.96 19.15 -1.00
N PRO A 310 -9.84 18.24 -0.03
CA PRO A 310 -9.23 16.91 -0.28
C PRO A 310 -10.04 16.05 -1.19
N ALA A 311 -11.35 16.16 -0.98
CA ALA A 311 -12.32 15.44 -1.81
C ALA A 311 -12.06 15.81 -3.25
N ALA A 312 -11.86 17.11 -3.43
CA ALA A 312 -11.63 17.73 -4.74
C ALA A 312 -10.36 17.23 -5.39
N VAL A 313 -9.38 17.10 -4.53
CA VAL A 313 -8.11 16.62 -4.97
C VAL A 313 -8.28 15.15 -5.40
N GLY A 314 -8.88 14.32 -4.56
CA GLY A 314 -9.06 12.94 -5.04
C GLY A 314 -9.89 12.83 -6.37
N LEU A 315 -10.94 13.62 -6.47
CA LEU A 315 -11.75 13.53 -7.67
C LEU A 315 -10.87 13.81 -8.90
N ARG A 316 -10.08 14.86 -8.78
CA ARG A 316 -9.22 15.22 -9.84
C ARG A 316 -8.25 14.12 -10.14
N VAL A 317 -7.79 13.50 -9.10
CA VAL A 317 -6.85 12.39 -9.33
C VAL A 317 -7.55 11.31 -10.10
N LEU A 318 -8.78 11.02 -9.74
CA LEU A 318 -9.41 9.90 -10.42
C LEU A 318 -9.64 10.34 -11.83
N ASP A 319 -9.94 11.60 -11.95
CA ASP A 319 -10.17 12.05 -13.29
C ASP A 319 -8.94 11.83 -14.13
N VAL A 320 -7.90 12.51 -13.74
CA VAL A 320 -6.71 12.46 -14.50
C VAL A 320 -6.28 11.06 -14.79
N VAL A 321 -6.43 10.17 -13.82
CA VAL A 321 -6.04 8.76 -14.07
C VAL A 321 -6.86 8.12 -15.15
N GLN A 322 -8.10 8.48 -15.15
CA GLN A 322 -8.95 7.89 -16.08
C GLN A 322 -8.59 8.42 -17.48
N ARG A 323 -8.62 9.72 -17.56
CA ARG A 323 -8.41 10.45 -18.77
C ARG A 323 -7.07 10.16 -19.38
N ASP A 324 -6.04 10.25 -18.57
CA ASP A 324 -4.75 9.98 -19.09
C ASP A 324 -4.41 8.53 -19.18
N GLY A 325 -5.41 7.69 -18.91
CA GLY A 325 -5.25 6.25 -19.10
C GLY A 325 -4.02 5.70 -18.45
N LEU A 326 -3.92 6.02 -17.18
CA LEU A 326 -2.77 5.60 -16.39
C LEU A 326 -2.83 4.12 -15.87
N VAL A 327 -4.01 3.55 -15.69
CA VAL A 327 -4.00 2.15 -15.27
C VAL A 327 -3.29 1.31 -16.32
N ALA A 328 -3.44 1.68 -17.56
CA ALA A 328 -2.82 0.93 -18.62
C ALA A 328 -1.32 1.20 -18.68
N ARG A 329 -0.98 2.48 -18.55
CA ARG A 329 0.41 2.95 -18.52
C ARG A 329 1.15 2.15 -17.41
N ALA A 330 0.42 1.81 -16.36
CA ALA A 330 1.03 1.01 -15.32
C ALA A 330 1.38 -0.37 -15.86
N ASN A 331 0.64 -0.82 -16.84
CA ASN A 331 0.88 -2.18 -17.37
C ASN A 331 2.08 -2.26 -18.38
N VAL A 332 2.16 -1.22 -19.16
CA VAL A 332 3.15 -0.94 -20.16
C VAL A 332 4.48 -0.73 -19.49
N MET A 333 4.53 0.31 -18.68
CA MET A 333 5.74 0.61 -17.95
C MET A 333 6.14 -0.56 -17.01
N GLY A 334 5.14 -1.16 -16.42
CA GLY A 334 5.42 -2.19 -15.49
C GLY A 334 6.05 -3.25 -16.21
N ASP A 335 5.54 -3.45 -17.39
CA ASP A 335 6.04 -4.54 -18.11
C ASP A 335 7.40 -4.20 -18.62
N ARG A 336 7.59 -2.92 -18.98
CA ARG A 336 8.92 -2.49 -19.40
C ARG A 336 9.96 -2.78 -18.24
N LEU A 337 9.62 -2.35 -17.03
CA LEU A 337 10.42 -2.56 -15.84
C LEU A 337 10.68 -4.03 -15.46
N ARG A 338 9.65 -4.85 -15.51
CA ARG A 338 9.84 -6.27 -15.15
C ARG A 338 10.91 -6.97 -15.99
N ARG A 339 10.80 -6.70 -17.27
CA ARG A 339 11.66 -7.24 -18.28
C ARG A 339 13.11 -6.86 -17.91
N GLY A 340 13.36 -5.57 -17.63
CA GLY A 340 14.65 -5.10 -17.22
C GLY A 340 15.08 -5.84 -15.93
N LEU A 341 14.18 -5.92 -14.97
CA LEU A 341 14.51 -6.62 -13.75
C LEU A 341 14.87 -8.01 -14.08
N LEU A 342 14.22 -8.58 -15.06
CA LEU A 342 14.55 -9.96 -15.35
C LEU A 342 15.86 -10.08 -16.10
N ASP A 343 16.25 -9.01 -16.80
CA ASP A 343 17.50 -9.05 -17.50
C ASP A 343 18.61 -8.98 -16.42
N LEU A 344 18.44 -8.04 -15.48
CA LEU A 344 19.39 -7.91 -14.38
C LEU A 344 19.49 -9.29 -13.72
N MET A 345 18.34 -9.85 -13.43
CA MET A 345 18.35 -11.10 -12.77
C MET A 345 19.19 -12.05 -13.53
N GLU A 346 19.28 -11.83 -14.85
CA GLU A 346 20.05 -12.76 -15.69
C GLU A 346 21.46 -12.52 -15.43
N ARG A 347 21.74 -11.23 -15.39
CA ARG A 347 23.05 -10.80 -15.15
C ARG A 347 23.57 -11.14 -13.73
N PHE A 348 22.73 -10.94 -12.68
CA PHE A 348 23.16 -11.13 -11.24
C PHE A 348 22.49 -12.25 -10.38
N ASP A 349 23.31 -13.15 -9.84
CA ASP A 349 22.75 -14.27 -9.08
C ASP A 349 22.12 -13.91 -7.74
N CYS A 350 22.43 -12.71 -7.25
CA CYS A 350 21.95 -12.20 -5.94
C CYS A 350 20.47 -11.86 -6.02
N ILE A 351 20.03 -11.85 -7.24
CA ILE A 351 18.67 -11.59 -7.48
C ILE A 351 17.92 -12.88 -7.50
N GLY A 352 17.29 -13.19 -6.39
CA GLY A 352 16.61 -14.46 -6.32
C GLY A 352 15.16 -14.46 -6.83
N ASP A 353 14.51 -13.28 -6.89
CA ASP A 353 13.10 -13.25 -7.32
C ASP A 353 12.65 -11.87 -7.86
N VAL A 354 11.92 -11.92 -8.98
CA VAL A 354 11.28 -10.75 -9.55
C VAL A 354 9.76 -11.05 -9.53
N ARG A 355 9.05 -10.26 -8.70
CA ARG A 355 7.64 -10.46 -8.51
C ARG A 355 6.80 -9.20 -8.42
N GLY A 356 5.51 -9.33 -8.11
CA GLY A 356 4.64 -8.13 -8.08
C GLY A 356 3.73 -8.00 -9.34
N ARG A 357 3.10 -6.84 -9.54
CA ARG A 357 2.17 -6.68 -10.63
C ARG A 357 2.06 -5.20 -11.02
N GLY A 358 1.80 -4.96 -12.29
CA GLY A 358 1.76 -3.62 -12.77
C GLY A 358 3.04 -2.87 -12.36
N LEU A 359 2.86 -1.77 -11.73
CA LEU A 359 3.94 -1.00 -11.32
C LEU A 359 4.13 -1.15 -9.81
N LEU A 360 3.99 -2.40 -9.32
CA LEU A 360 4.26 -2.68 -7.93
C LEU A 360 5.06 -3.94 -7.99
N LEU A 361 6.34 -3.73 -8.20
CA LEU A 361 7.24 -4.82 -8.34
C LEU A 361 8.15 -4.98 -7.14
N GLY A 362 8.57 -6.20 -6.90
CA GLY A 362 9.44 -6.46 -5.79
C GLY A 362 10.65 -7.22 -6.25
N VAL A 363 11.79 -6.88 -5.70
CA VAL A 363 12.98 -7.68 -6.04
C VAL A 363 13.65 -8.26 -4.77
N GLU A 364 13.66 -9.59 -4.63
CA GLU A 364 14.19 -10.32 -3.45
C GLU A 364 15.71 -10.71 -3.58
N ILE A 365 16.54 -10.06 -2.76
CA ILE A 365 18.00 -10.26 -2.74
C ILE A 365 18.37 -11.48 -1.95
N VAL A 366 19.10 -12.35 -2.60
CA VAL A 366 19.50 -13.57 -1.93
C VAL A 366 20.95 -13.77 -2.12
N LYS A 367 21.52 -14.61 -1.28
CA LYS A 367 22.93 -14.90 -1.28
C LYS A 367 23.24 -16.12 -2.10
N ASP A 368 22.25 -16.99 -2.22
CA ASP A 368 22.36 -18.21 -3.00
C ASP A 368 20.99 -18.61 -3.57
N ARG A 369 20.85 -18.62 -4.92
CA ARG A 369 19.56 -19.04 -5.53
C ARG A 369 19.11 -20.42 -5.06
N ARG A 370 19.96 -21.40 -5.15
CA ARG A 370 19.59 -22.70 -4.63
C ARG A 370 19.12 -22.66 -3.17
N THR A 371 19.78 -21.87 -2.32
CA THR A 371 19.42 -21.84 -0.89
C THR A 371 18.44 -20.77 -0.60
N LYS A 372 18.51 -19.70 -1.39
CA LYS A 372 17.70 -18.52 -1.13
C LYS A 372 18.12 -18.10 0.29
N GLU A 373 19.40 -17.97 0.44
CA GLU A 373 19.89 -17.53 1.68
C GLU A 373 19.86 -16.00 1.53
N PRO A 374 19.26 -15.34 2.50
CA PRO A 374 19.16 -13.89 2.42
C PRO A 374 20.51 -13.42 2.41
N ALA A 375 20.74 -12.43 1.59
CA ALA A 375 22.05 -11.84 1.51
C ALA A 375 22.06 -10.72 2.51
N ASP A 376 22.94 -10.85 3.48
CA ASP A 376 23.09 -9.93 4.60
C ASP A 376 23.97 -8.73 4.31
N GLY A 377 23.37 -7.54 4.43
CA GLY A 377 24.04 -6.27 4.19
C GLY A 377 24.00 -5.93 2.71
N LEU A 378 23.88 -6.95 1.87
CA LEU A 378 23.91 -6.72 0.44
C LEU A 378 22.81 -5.85 -0.01
N GLY A 379 21.62 -6.13 0.48
CA GLY A 379 20.50 -5.28 0.09
C GLY A 379 20.75 -3.80 0.43
N ALA A 380 21.21 -3.57 1.68
CA ALA A 380 21.49 -2.22 2.20
C ALA A 380 22.45 -1.55 1.34
N LYS A 381 23.40 -2.33 0.80
CA LYS A 381 24.46 -1.78 -0.07
C LYS A 381 23.85 -1.25 -1.35
N ILE A 382 23.21 -2.17 -2.08
CA ILE A 382 22.56 -1.81 -3.32
C ILE A 382 21.78 -0.55 -3.13
N THR A 383 21.02 -0.50 -2.07
CA THR A 383 20.22 0.65 -1.83
C THR A 383 21.02 1.88 -1.71
N ARG A 384 22.15 1.78 -0.99
CA ARG A 384 23.06 2.97 -0.69
C ARG A 384 23.57 3.45 -2.00
N GLU A 385 24.04 2.47 -2.75
CA GLU A 385 24.59 2.71 -4.08
C GLU A 385 23.52 3.37 -5.01
N CYS A 386 22.28 2.87 -4.99
CA CYS A 386 21.28 3.47 -5.89
C CYS A 386 21.20 4.97 -5.62
N MET A 387 21.20 5.28 -4.35
CA MET A 387 21.08 6.61 -3.95
C MET A 387 22.24 7.45 -4.49
N ASN A 388 23.45 6.94 -4.40
CA ASN A 388 24.61 7.73 -4.86
C ASN A 388 24.42 7.98 -6.37
N LEU A 389 24.06 6.89 -7.07
CA LEU A 389 23.80 6.90 -8.50
C LEU A 389 22.59 7.77 -8.79
N GLY A 390 21.91 8.24 -7.75
CA GLY A 390 20.77 9.13 -7.98
C GLY A 390 19.40 8.44 -8.16
N LEU A 391 19.16 7.29 -7.54
CA LEU A 391 17.90 6.58 -7.64
C LEU A 391 17.45 6.23 -6.30
N SER A 392 16.36 6.86 -5.91
CA SER A 392 15.75 6.53 -4.62
C SER A 392 15.04 5.21 -4.64
N MET A 393 15.52 4.32 -3.76
CA MET A 393 14.98 2.99 -3.55
C MET A 393 14.54 2.64 -2.10
N ASN A 394 13.88 1.47 -1.95
CA ASN A 394 13.34 0.99 -0.66
C ASN A 394 13.33 -0.49 -0.63
N ILE A 395 13.97 -0.96 0.40
CA ILE A 395 14.10 -2.36 0.68
C ILE A 395 13.44 -2.70 2.05
N VAL A 396 12.74 -3.81 2.13
CA VAL A 396 12.09 -4.16 3.37
C VAL A 396 12.57 -5.50 3.71
N GLN A 397 12.79 -5.68 4.98
CA GLN A 397 13.36 -6.91 5.44
C GLN A 397 12.62 -7.48 6.61
N LEU A 398 12.07 -8.68 6.43
CA LEU A 398 11.34 -9.42 7.48
C LEU A 398 12.07 -10.71 7.87
N PRO A 399 11.72 -11.30 9.02
CA PRO A 399 12.36 -12.54 9.40
C PRO A 399 12.10 -13.52 8.28
N GLY A 400 13.09 -14.36 8.04
CA GLY A 400 12.96 -15.45 7.06
C GLY A 400 13.20 -15.20 5.59
N MET A 401 13.25 -13.92 5.16
CA MET A 401 13.47 -13.68 3.72
C MET A 401 14.60 -12.76 3.43
N GLY A 402 15.01 -12.72 2.15
CA GLY A 402 16.05 -11.81 1.66
C GLY A 402 15.31 -10.49 1.81
N GLY A 403 16.02 -9.39 1.72
CA GLY A 403 15.37 -8.07 1.83
C GLY A 403 14.69 -7.85 0.46
N VAL A 404 13.63 -7.04 0.40
CA VAL A 404 12.99 -6.88 -0.90
C VAL A 404 12.95 -5.49 -1.36
N PHE A 405 13.32 -5.23 -2.63
CA PHE A 405 13.23 -3.85 -3.10
C PHE A 405 11.83 -3.77 -3.51
N ARG A 406 11.22 -2.64 -3.16
CA ARG A 406 9.83 -2.30 -3.48
C ARG A 406 9.89 -1.23 -4.56
N ILE A 407 9.63 -1.58 -5.77
CA ILE A 407 9.77 -0.61 -6.80
C ILE A 407 8.40 -0.12 -7.30
N ALA A 408 8.14 1.16 -7.14
CA ALA A 408 6.82 1.76 -7.45
C ALA A 408 6.88 3.19 -7.85
N PRO A 409 7.41 3.39 -9.01
CA PRO A 409 7.49 4.69 -9.63
C PRO A 409 6.08 5.20 -9.97
N PRO A 410 5.98 6.48 -10.28
CA PRO A 410 4.75 7.14 -10.68
C PRO A 410 4.11 6.47 -11.85
N LEU A 411 2.79 6.48 -11.89
CA LEU A 411 2.08 5.86 -13.02
C LEU A 411 2.38 6.68 -14.28
N THR A 412 2.71 7.92 -14.06
CA THR A 412 3.07 8.82 -15.09
C THR A 412 4.53 8.67 -15.49
N VAL A 413 5.19 7.64 -15.04
CA VAL A 413 6.60 7.63 -15.36
C VAL A 413 6.77 7.38 -16.86
N SER A 414 7.87 7.86 -17.44
CA SER A 414 8.21 7.69 -18.86
C SER A 414 9.06 6.49 -19.09
N GLU A 415 9.21 6.10 -20.33
CA GLU A 415 10.02 4.92 -20.60
C GLU A 415 11.48 5.16 -20.37
N ASP A 416 11.89 6.35 -20.61
CA ASP A 416 13.28 6.54 -20.46
C ASP A 416 13.57 6.58 -19.02
N GLU A 417 12.56 7.02 -18.26
CA GLU A 417 12.75 7.14 -16.88
C GLU A 417 12.88 5.78 -16.37
N ILE A 418 12.24 4.85 -17.02
CA ILE A 418 12.33 3.48 -16.55
C ILE A 418 13.67 2.88 -16.85
N ASP A 419 14.11 3.22 -18.01
CA ASP A 419 15.31 2.69 -18.47
C ASP A 419 16.38 3.30 -17.57
N LEU A 420 16.38 4.61 -17.47
CA LEU A 420 17.29 5.26 -16.63
C LEU A 420 17.36 4.53 -15.30
N GLY A 421 16.20 4.26 -14.74
CA GLY A 421 16.20 3.60 -13.44
C GLY A 421 16.83 2.20 -13.49
N LEU A 422 16.45 1.45 -14.49
CA LEU A 422 16.95 0.10 -14.60
C LEU A 422 18.50 0.13 -14.67
N SER A 423 18.98 1.17 -15.29
CA SER A 423 20.38 1.34 -15.44
C SER A 423 21.08 1.62 -14.09
N LEU A 424 20.71 2.72 -13.43
CA LEU A 424 21.28 3.05 -12.12
C LEU A 424 21.29 1.81 -11.26
N LEU A 425 20.21 1.03 -11.35
CA LEU A 425 20.16 -0.18 -10.56
C LEU A 425 21.20 -1.16 -10.95
N GLY A 426 21.31 -1.38 -12.26
CA GLY A 426 22.32 -2.35 -12.76
C GLY A 426 23.72 -1.98 -12.15
N GLN A 427 24.05 -0.70 -12.27
CA GLN A 427 25.30 -0.14 -11.76
C GLN A 427 25.49 -0.29 -10.27
N ALA A 428 24.40 -0.10 -9.52
CA ALA A 428 24.40 -0.16 -8.05
C ALA A 428 24.66 -1.54 -7.64
N ILE A 429 24.16 -2.48 -8.38
CA ILE A 429 24.39 -3.84 -7.96
C ILE A 429 25.83 -4.22 -8.26
N GLU A 430 26.26 -3.86 -9.45
CA GLU A 430 27.61 -4.17 -9.89
C GLU A 430 28.57 -3.68 -8.82
N ARG A 431 28.32 -2.45 -8.47
CA ARG A 431 29.15 -1.75 -7.56
C ARG A 431 29.05 -2.13 -6.11
N ALA A 432 28.03 -2.90 -5.81
CA ALA A 432 27.82 -3.36 -4.46
C ALA A 432 28.36 -4.75 -4.22
N LEU A 433 28.54 -5.51 -5.27
CA LEU A 433 29.03 -6.82 -5.02
C LEU A 433 30.46 -6.78 -4.55
#